data_4DMW
#
_entry.id   4DMW
#
_cell.length_a   66.660
_cell.length_b   156.730
_cell.length_c   65.750
_cell.angle_alpha   90.00
_cell.angle_beta   90.00
_cell.angle_gamma   90.00
#
_symmetry.space_group_name_H-M   'P 21 21 2'
#
loop_
_entity.id
_entity.type
_entity.pdbx_description
1 polymer 'Toxin A'
2 non-polymer 'MANGANESE (II) ION'
3 non-polymer "URIDINE-5'-DIPHOSPHATE"
4 water water
#
_entity_poly.entity_id   1
_entity_poly.type   'polypeptide(L)'
_entity_poly.pdbx_seq_one_letter_code
;MAHHHHHHDDDDKGSMSLISKEELIKLAYSIRPRENEYKTILTNLDEYNKLTTNNNENKYLQLKKLNESIDVFMNKYKTS
SRNRALSNLKKDILKEVILIKNSNTSPVEKNLHFVWIGGEVSDIALEYIKQWADINAEYNIKLWYDSEAFLVNTLKKAIV
ESSTTEALQLLEEEIQNPQFDNMKFYKKRMEFIYDRQKRFINYYKSQINKPTVPTIDDIIKSHLVSEYNRDETVLESYRT
NSLRKINSNHGIDIRANSLFTEQELLNIYSQELLNRGNLAAASDIVRLLALKNFGGVYLDVDMLPGIHSDLFKTISRPSS
IGLDRWEMIKLEAIMKYKKYINNYTSENFDKLDQQLKDNFKLIIESKSEKSEIFSKLENLNVSDLEIKIAFALGSVINQA
LISKQGSYLTNLVIEQVKNRYQFLNQHLNPAIESDNNFTDTTKIFHDSLFNSATAENSMFLTKIAPYLQVGFMPEARSTI
SLSGPGAYASAYYDFINLQENTIEKTLKASDLIEFKFPENNLSQLTEQEINSLWSFDQASAKYQFEKYVRDYTGGS
;
_entity_poly.pdbx_strand_id   A
#
# COMPACT_ATOMS: atom_id res chain seq x y z
N SER A 17 -12.03 30.95 18.77
CA SER A 17 -12.13 29.57 19.24
C SER A 17 -13.51 28.97 18.95
N LEU A 18 -13.72 27.74 19.39
CA LEU A 18 -15.06 27.13 19.38
C LEU A 18 -15.98 27.98 20.26
N ILE A 19 -17.29 27.87 20.06
CA ILE A 19 -18.23 28.61 20.87
C ILE A 19 -18.08 28.23 22.33
N SER A 20 -18.48 29.12 23.23
CA SER A 20 -18.31 28.90 24.64
C SER A 20 -19.43 28.05 25.22
N LYS A 21 -19.15 27.42 26.35
CA LYS A 21 -20.14 26.67 27.10
C LYS A 21 -21.40 27.52 27.36
N GLU A 22 -21.17 28.76 27.79
CA GLU A 22 -22.24 29.71 28.12
C GLU A 22 -23.12 30.17 26.93
N GLU A 23 -22.61 30.10 25.71
CA GLU A 23 -23.50 30.35 24.56
C GLU A 23 -24.07 29.09 23.91
N LEU A 24 -23.50 27.93 24.18
CA LEU A 24 -24.17 26.71 23.79
C LEU A 24 -25.38 26.55 24.70
N ILE A 25 -25.21 26.88 25.97
CA ILE A 25 -26.35 26.90 26.88
C ILE A 25 -27.51 27.77 26.35
N LYS A 26 -27.20 28.88 25.67
CA LYS A 26 -28.25 29.73 25.10
C LYS A 26 -28.90 29.09 23.89
N LEU A 27 -28.07 28.54 23.01
CA LEU A 27 -28.55 28.09 21.71
C LEU A 27 -29.17 26.70 21.71
N ALA A 28 -28.81 25.86 22.68
CA ALA A 28 -29.28 24.48 22.70
C ALA A 28 -30.41 24.29 23.70
N TYR A 29 -31.45 25.11 23.56
CA TYR A 29 -32.54 25.16 24.54
C TYR A 29 -33.36 23.88 24.58
N SER A 30 -34.14 23.75 25.66
CA SER A 30 -35.12 22.66 25.79
C SER A 30 -35.97 22.95 27.05
N ILE A 31 -37.22 22.54 27.00
CA ILE A 31 -38.11 22.67 28.15
C ILE A 31 -37.61 21.76 29.27
N ARG A 32 -37.08 20.60 28.88
CA ARG A 32 -36.51 19.60 29.78
C ARG A 32 -35.29 20.10 30.53
N PRO A 33 -35.10 19.62 31.77
CA PRO A 33 -33.87 19.81 32.55
C PRO A 33 -32.66 19.13 31.88
N ARG A 34 -31.45 19.59 32.16
CA ARG A 34 -30.27 19.09 31.45
C ARG A 34 -30.04 17.61 31.69
N GLU A 35 -30.18 16.83 30.63
CA GLU A 35 -29.82 15.41 30.62
C GLU A 35 -28.33 15.27 30.91
N ASN A 36 -27.92 14.17 31.53
CA ASN A 36 -26.53 14.01 31.95
C ASN A 36 -25.57 13.94 30.75
N GLU A 37 -26.05 13.37 29.64
CA GLU A 37 -25.28 13.30 28.41
C GLU A 37 -25.05 14.70 27.85
N TYR A 38 -25.99 15.61 28.09
CA TYR A 38 -25.80 16.99 27.71
C TYR A 38 -24.86 17.71 28.67
N LYS A 39 -24.91 17.37 29.95
CA LYS A 39 -23.96 17.95 30.91
C LYS A 39 -22.51 17.60 30.55
N THR A 40 -22.27 16.33 30.23
CA THR A 40 -20.94 15.89 29.83
C THR A 40 -20.42 16.69 28.62
N ILE A 41 -21.29 16.90 27.64
CA ILE A 41 -20.95 17.71 26.47
C ILE A 41 -20.48 19.08 26.90
N LEU A 42 -21.24 19.72 27.78
CA LEU A 42 -20.82 21.02 28.29
C LEU A 42 -19.42 20.97 28.93
N THR A 43 -19.14 19.88 29.64
CA THR A 43 -17.86 19.73 30.34
C THR A 43 -16.71 19.53 29.35
N ASN A 44 -16.95 18.73 28.32
CA ASN A 44 -16.00 18.55 27.21
C ASN A 44 -15.77 19.82 26.41
N LEU A 45 -16.80 20.63 26.28
CA LEU A 45 -16.71 21.88 25.58
C LEU A 45 -15.85 22.87 26.36
N ASP A 46 -15.99 22.85 27.67
CA ASP A 46 -15.16 23.75 28.47
C ASP A 46 -13.71 23.29 28.51
N GLU A 47 -13.50 22.00 28.73
CA GLU A 47 -12.17 21.39 28.69
C GLU A 47 -11.41 21.76 27.43
N TYR A 48 -12.08 21.65 26.28
CA TYR A 48 -11.44 22.01 25.01
C TYR A 48 -11.11 23.49 24.89
N ASN A 49 -12.09 24.36 25.13
CA ASN A 49 -11.86 25.79 25.05
C ASN A 49 -10.76 26.26 26.00
N LYS A 50 -10.69 25.65 27.17
CA LYS A 50 -9.74 26.10 28.17
C LYS A 50 -8.39 25.37 28.15
N LEU A 51 -8.07 24.74 27.01
CA LEU A 51 -6.80 24.03 26.88
C LEU A 51 -5.64 25.02 26.79
N THR A 52 -4.54 24.68 27.44
CA THR A 52 -3.32 25.47 27.35
C THR A 52 -2.33 24.82 26.37
N THR A 53 -2.38 23.48 26.33
CA THR A 53 -1.52 22.66 25.45
C THR A 53 -1.43 23.15 24.00
N ASN A 54 -0.31 22.82 23.37
CA ASN A 54 -0.01 23.21 22.00
C ASN A 54 0.36 21.94 21.23
N ASN A 55 0.17 20.81 21.91
CA ASN A 55 0.37 19.50 21.35
C ASN A 55 -0.85 19.14 20.49
N ASN A 56 -0.69 19.16 19.18
CA ASN A 56 -1.78 18.92 18.25
C ASN A 56 -2.54 17.59 18.40
N GLU A 57 -1.84 16.55 18.80
CA GLU A 57 -2.50 15.27 18.96
C GLU A 57 -3.36 15.33 20.22
N ASN A 58 -2.85 16.02 21.22
CA ASN A 58 -3.63 16.26 22.41
C ASN A 58 -4.90 17.08 22.12
N LYS A 59 -4.73 18.25 21.49
CA LYS A 59 -5.85 19.06 21.00
C LYS A 59 -6.87 18.26 20.17
N TYR A 60 -6.36 17.49 19.20
CA TYR A 60 -7.22 16.66 18.36
C TYR A 60 -8.01 15.66 19.17
N LEU A 61 -7.36 14.99 20.12
CA LEU A 61 -8.03 13.97 20.92
C LEU A 61 -9.13 14.57 21.77
N GLN A 62 -8.91 15.79 22.25
CA GLN A 62 -9.93 16.44 23.05
C GLN A 62 -11.14 16.82 22.17
N LEU A 63 -10.87 17.27 20.95
CA LEU A 63 -11.90 17.46 19.93
C LEU A 63 -12.70 16.18 19.68
N LYS A 64 -11.99 15.07 19.49
CA LYS A 64 -12.61 13.77 19.21
C LYS A 64 -13.53 13.33 20.36
N LYS A 65 -13.05 13.47 21.59
CA LYS A 65 -13.81 13.15 22.79
C LYS A 65 -15.11 13.96 22.88
N LEU A 66 -15.04 15.24 22.54
CA LEU A 66 -16.19 16.13 22.56
C LEU A 66 -17.20 15.68 21.50
N ASN A 67 -16.70 15.46 20.28
CA ASN A 67 -17.54 15.09 19.15
C ASN A 67 -18.21 13.72 19.30
N GLU A 68 -17.54 12.83 20.01
CA GLU A 68 -18.08 11.52 20.38
C GLU A 68 -19.25 11.71 21.34
N SER A 69 -19.10 12.63 22.30
CA SER A 69 -20.14 12.84 23.32
C SER A 69 -21.38 13.53 22.75
N ILE A 70 -21.18 14.30 21.70
CA ILE A 70 -22.30 14.87 20.99
C ILE A 70 -23.11 13.77 20.29
N ASP A 71 -22.43 12.81 19.67
CA ASP A 71 -23.16 11.80 18.90
C ASP A 71 -23.99 10.83 19.75
N VAL A 72 -23.50 10.49 20.95
CA VAL A 72 -24.26 9.69 21.92
C VAL A 72 -25.62 10.34 22.24
N PHE A 73 -25.57 11.59 22.72
CA PHE A 73 -26.77 12.38 22.97
C PHE A 73 -27.76 12.35 21.79
N MET A 74 -27.33 12.82 20.62
CA MET A 74 -28.19 12.87 19.43
C MET A 74 -28.77 11.52 18.99
N ASN A 75 -28.15 10.43 19.43
CA ASN A 75 -28.66 9.10 19.15
C ASN A 75 -29.63 8.63 20.23
N LYS A 76 -29.36 9.00 21.47
CA LYS A 76 -30.25 8.69 22.59
C LYS A 76 -31.55 9.53 22.53
N TYR A 77 -31.40 10.83 22.23
CA TYR A 77 -32.50 11.79 22.17
C TYR A 77 -32.69 12.36 20.76
N LYS A 78 -33.11 11.52 19.83
CA LYS A 78 -33.23 11.89 18.42
C LYS A 78 -34.24 13.01 18.13
N THR A 79 -34.99 13.46 19.13
CA THR A 79 -36.01 14.50 18.90
C THR A 79 -35.90 15.66 19.88
N SER A 80 -34.77 15.76 20.56
CA SER A 80 -34.57 16.89 21.45
C SER A 80 -34.47 18.17 20.63
N SER A 81 -34.92 19.28 21.22
CA SER A 81 -34.82 20.57 20.56
C SER A 81 -33.38 21.06 20.59
N ARG A 82 -32.53 20.31 21.27
CA ARG A 82 -31.11 20.67 21.38
C ARG A 82 -30.32 20.29 20.14
N ASN A 83 -30.90 19.43 19.30
CA ASN A 83 -30.16 18.87 18.16
C ASN A 83 -29.75 19.83 17.06
N ARG A 84 -30.48 20.94 16.88
CA ARG A 84 -30.00 21.91 15.89
C ARG A 84 -28.67 22.53 16.31
N ALA A 85 -28.61 23.02 17.55
CA ALA A 85 -27.41 23.66 18.08
C ALA A 85 -26.20 22.72 18.21
N LEU A 86 -26.47 21.46 18.56
CA LEU A 86 -25.43 20.44 18.58
C LEU A 86 -24.99 20.04 17.15
N SER A 87 -25.91 20.12 16.20
CA SER A 87 -25.52 19.89 14.82
C SER A 87 -24.62 21.04 14.31
N ASN A 88 -24.97 22.27 14.60
CA ASN A 88 -24.13 23.40 14.18
C ASN A 88 -22.76 23.38 14.85
N LEU A 89 -22.71 22.87 16.08
CA LEU A 89 -21.45 22.72 16.77
C LEU A 89 -20.60 21.63 16.09
N LYS A 90 -21.21 20.53 15.69
CA LYS A 90 -20.44 19.50 14.98
C LYS A 90 -19.82 20.04 13.68
N LYS A 91 -20.53 20.94 13.02
CA LYS A 91 -20.00 21.57 11.80
C LYS A 91 -18.76 22.41 12.10
N ASP A 92 -18.74 23.02 13.28
CA ASP A 92 -17.64 23.88 13.68
C ASP A 92 -16.45 23.07 14.17
N ILE A 93 -16.73 21.87 14.66
CA ILE A 93 -15.71 20.94 15.06
C ILE A 93 -14.94 20.48 13.82
N LEU A 94 -15.69 20.10 12.79
CA LEU A 94 -15.09 19.70 11.52
C LEU A 94 -14.13 20.75 10.96
N LYS A 95 -14.51 22.03 11.04
CA LYS A 95 -13.58 23.11 10.69
C LYS A 95 -12.37 23.24 11.63
N GLU A 96 -12.52 22.89 12.91
CA GLU A 96 -11.43 22.97 13.87
C GLU A 96 -10.29 21.97 13.61
N VAL A 97 -10.67 20.79 13.12
CA VAL A 97 -9.71 19.77 12.71
C VAL A 97 -8.68 20.35 11.73
N ILE A 98 -9.15 21.07 10.72
CA ILE A 98 -8.26 21.67 9.74
C ILE A 98 -7.39 22.76 10.36
N LEU A 99 -7.96 23.56 11.26
CA LEU A 99 -7.18 24.55 11.96
C LEU A 99 -6.04 23.88 12.72
N ILE A 100 -6.32 22.77 13.38
CA ILE A 100 -5.31 22.08 14.18
C ILE A 100 -4.18 21.52 13.33
N LYS A 101 -4.53 20.93 12.20
CA LYS A 101 -3.51 20.28 11.40
C LYS A 101 -2.66 21.32 10.66
N ASN A 102 -3.19 22.51 10.49
CA ASN A 102 -2.44 23.57 9.82
C ASN A 102 -1.68 24.48 10.79
N SER A 103 -1.55 24.07 12.06
CA SER A 103 -1.10 25.02 13.07
C SER A 103 0.37 24.93 13.52
N ASN A 104 0.97 23.74 13.43
CA ASN A 104 2.41 23.63 13.68
C ASN A 104 3.09 22.74 12.66
N THR A 105 3.38 23.30 11.49
CA THR A 105 4.04 22.54 10.44
C THR A 105 5.57 22.70 10.45
N SER A 106 6.26 21.72 9.86
CA SER A 106 7.72 21.67 9.87
C SER A 106 8.15 20.63 8.85
N PRO A 107 9.43 20.65 8.43
CA PRO A 107 9.89 19.66 7.45
C PRO A 107 10.01 18.26 8.03
N VAL A 108 9.96 17.22 7.19
CA VAL A 108 10.13 15.84 7.66
C VAL A 108 11.59 15.42 7.84
N GLU A 109 11.78 14.41 8.69
CA GLU A 109 13.07 13.74 8.87
C GLU A 109 13.61 13.35 7.50
N LYS A 110 14.89 13.63 7.25
CA LYS A 110 15.46 13.41 5.92
C LYS A 110 15.88 11.95 5.70
N ASN A 111 14.88 11.07 5.69
CA ASN A 111 15.09 9.65 5.39
C ASN A 111 14.32 9.23 4.15
N LEU A 112 14.92 8.37 3.33
CA LEU A 112 14.19 7.73 2.26
C LEU A 112 14.12 6.25 2.57
N HIS A 113 12.90 5.71 2.52
CA HIS A 113 12.69 4.30 2.72
C HIS A 113 12.33 3.61 1.40
N PHE A 114 13.04 2.53 1.10
CA PHE A 114 12.67 1.65 0.02
C PHE A 114 12.57 0.28 0.66
N VAL A 115 11.81 -0.63 0.06
CA VAL A 115 11.69 -1.94 0.64
C VAL A 115 11.91 -2.99 -0.42
N TRP A 116 12.79 -3.96 -0.13
CA TRP A 116 12.85 -5.17 -0.96
C TRP A 116 13.00 -6.47 -0.18
N ILE A 117 11.87 -7.12 0.08
CA ILE A 117 11.86 -8.41 0.75
C ILE A 117 11.64 -9.50 -0.31
N GLY A 118 12.00 -10.74 0.03
CA GLY A 118 11.59 -11.89 -0.76
C GLY A 118 12.60 -12.50 -1.70
N GLY A 119 13.62 -11.76 -2.09
CA GLY A 119 14.62 -12.28 -3.01
C GLY A 119 15.77 -11.33 -3.21
N GLU A 120 16.66 -11.66 -4.16
CA GLU A 120 17.74 -10.76 -4.56
C GLU A 120 17.18 -9.47 -5.19
N VAL A 121 17.72 -8.33 -4.78
CA VAL A 121 17.30 -7.04 -5.31
C VAL A 121 17.92 -6.75 -6.70
N SER A 122 17.08 -6.36 -7.67
CA SER A 122 17.53 -6.19 -9.07
C SER A 122 18.54 -5.04 -9.28
N ASP A 123 19.40 -5.18 -10.27
CA ASP A 123 20.35 -4.11 -10.58
C ASP A 123 19.57 -2.89 -11.02
N ILE A 124 18.43 -3.15 -11.64
CA ILE A 124 17.67 -2.07 -12.19
C ILE A 124 16.96 -1.26 -11.08
N ALA A 125 16.46 -1.95 -10.06
CA ALA A 125 15.94 -1.26 -8.87
C ALA A 125 17.04 -0.42 -8.21
N LEU A 126 18.24 -0.97 -8.13
CA LEU A 126 19.40 -0.23 -7.57
C LEU A 126 19.74 1.00 -8.40
N GLU A 127 19.51 0.93 -9.71
CA GLU A 127 19.79 2.09 -10.56
C GLU A 127 18.80 3.23 -10.28
N TYR A 128 17.52 2.89 -10.03
CA TYR A 128 16.48 3.90 -9.79
C TYR A 128 16.77 4.51 -8.44
N ILE A 129 17.18 3.69 -7.48
CA ILE A 129 17.46 4.20 -6.15
C ILE A 129 18.63 5.17 -6.21
N LYS A 130 19.62 4.86 -7.03
CA LYS A 130 20.79 5.71 -7.17
C LYS A 130 20.45 7.10 -7.70
N GLN A 131 19.36 7.21 -8.45
CA GLN A 131 18.91 8.52 -8.92
C GLN A 131 18.47 9.40 -7.74
N TRP A 132 17.73 8.78 -6.82
CA TRP A 132 17.31 9.47 -5.61
C TRP A 132 18.50 9.88 -4.76
N ALA A 133 19.45 8.96 -4.64
CA ALA A 133 20.69 9.19 -3.89
C ALA A 133 21.49 10.40 -4.39
N ASP A 134 21.72 10.45 -5.70
CA ASP A 134 22.52 11.51 -6.33
C ASP A 134 21.93 12.91 -6.17
N ILE A 135 20.64 13.03 -6.44
CA ILE A 135 19.92 14.30 -6.35
C ILE A 135 19.79 14.78 -4.90
N ASN A 136 19.64 13.83 -3.96
CA ASN A 136 19.40 14.16 -2.57
C ASN A 136 20.47 13.63 -1.62
N ALA A 137 21.69 14.11 -1.79
CA ALA A 137 22.86 13.55 -1.14
C ALA A 137 22.87 13.64 0.39
N GLU A 138 21.92 14.40 0.96
CA GLU A 138 21.89 14.64 2.40
C GLU A 138 20.75 13.87 3.11
N TYR A 139 20.04 13.05 2.35
CA TYR A 139 19.07 12.15 2.96
C TYR A 139 19.79 10.84 3.33
N ASN A 140 19.43 10.28 4.47
CA ASN A 140 19.89 8.96 4.82
C ASN A 140 18.97 7.97 4.09
N ILE A 141 19.55 7.07 3.30
CA ILE A 141 18.76 6.12 2.52
C ILE A 141 18.78 4.74 3.14
N LYS A 142 17.59 4.21 3.39
CA LYS A 142 17.44 2.86 3.91
C LYS A 142 16.72 1.98 2.89
N LEU A 143 17.32 0.84 2.62
CA LEU A 143 16.71 -0.20 1.79
C LEU A 143 16.32 -1.36 2.70
N TRP A 144 15.05 -1.41 3.09
CA TRP A 144 14.56 -2.46 3.99
C TRP A 144 14.50 -3.84 3.34
N TYR A 145 15.03 -4.84 4.03
CA TYR A 145 14.91 -6.22 3.61
C TYR A 145 14.65 -7.15 4.79
N ASP A 146 14.34 -8.41 4.48
CA ASP A 146 14.13 -9.39 5.53
C ASP A 146 15.17 -10.50 5.35
N SER A 147 16.12 -10.57 6.28
CA SER A 147 17.28 -11.48 6.20
C SER A 147 16.89 -12.95 6.25
N GLU A 148 15.70 -13.22 6.77
CA GLU A 148 15.15 -14.56 6.93
C GLU A 148 14.52 -15.10 5.66
N ALA A 149 14.13 -14.23 4.73
CA ALA A 149 13.30 -14.67 3.59
C ALA A 149 13.76 -14.41 2.13
N PHE A 150 15.01 -14.76 1.82
CA PHE A 150 15.51 -14.56 0.46
C PHE A 150 15.02 -15.59 -0.54
N LEU A 151 14.42 -16.67 -0.05
CA LEU A 151 14.05 -17.79 -0.90
C LEU A 151 12.55 -17.92 -1.16
N VAL A 152 11.78 -16.96 -0.67
CA VAL A 152 10.32 -17.02 -0.74
C VAL A 152 9.85 -16.95 -2.19
N ASN A 153 10.34 -15.94 -2.90
CA ASN A 153 10.02 -15.78 -4.31
C ASN A 153 10.35 -17.03 -5.14
N THR A 154 11.53 -17.59 -4.90
CA THR A 154 11.96 -18.85 -5.50
C THR A 154 10.98 -19.98 -5.21
N LEU A 155 10.59 -20.12 -3.94
CA LEU A 155 9.58 -21.13 -3.58
C LEU A 155 8.27 -20.94 -4.33
N LYS A 156 7.71 -19.73 -4.31
CA LYS A 156 6.46 -19.44 -5.05
C LYS A 156 6.54 -19.67 -6.58
N LYS A 157 7.73 -19.48 -7.15
CA LYS A 157 7.97 -19.80 -8.55
C LYS A 157 7.78 -21.29 -8.77
N ALA A 158 8.41 -22.07 -7.91
CA ALA A 158 8.44 -23.52 -8.08
C ALA A 158 7.04 -24.13 -7.95
N ILE A 159 6.28 -23.66 -6.97
CA ILE A 159 4.92 -24.13 -6.78
C ILE A 159 4.00 -23.82 -7.98
N VAL A 160 4.10 -22.61 -8.52
CA VAL A 160 3.27 -22.26 -9.68
C VAL A 160 3.66 -23.04 -10.94
N GLU A 161 4.96 -23.18 -11.18
CA GLU A 161 5.46 -24.01 -12.29
C GLU A 161 4.96 -25.45 -12.23
N SER A 162 5.06 -26.07 -11.06
CA SER A 162 4.62 -27.46 -10.89
C SER A 162 3.12 -27.61 -11.03
N SER A 163 2.38 -26.58 -10.64
CA SER A 163 0.93 -26.62 -10.64
C SER A 163 0.37 -26.46 -12.06
N THR A 164 0.98 -25.55 -12.81
CA THR A 164 0.65 -25.31 -14.22
C THR A 164 0.67 -26.62 -15.02
N THR A 165 1.84 -27.26 -15.05
CA THR A 165 2.03 -28.59 -15.60
C THR A 165 1.02 -29.64 -15.10
N GLU A 166 0.76 -29.66 -13.79
CA GLU A 166 -0.25 -30.57 -13.25
C GLU A 166 -1.63 -30.31 -13.87
N ALA A 167 -2.00 -29.04 -13.97
CA ALA A 167 -3.31 -28.67 -14.49
C ALA A 167 -3.45 -28.99 -15.98
N LEU A 168 -2.36 -28.88 -16.71
CA LEU A 168 -2.37 -29.13 -18.15
C LEU A 168 -2.49 -30.63 -18.44
N GLN A 169 -1.81 -31.45 -17.63
CA GLN A 169 -1.93 -32.89 -17.77
C GLN A 169 -3.34 -33.34 -17.45
N LEU A 170 -3.96 -32.65 -16.51
CA LEU A 170 -5.32 -33.01 -16.11
C LEU A 170 -6.36 -32.53 -17.11
N LEU A 171 -6.11 -31.36 -17.71
CA LEU A 171 -7.04 -30.74 -18.66
C LEU A 171 -6.80 -31.07 -20.15
N GLU A 172 -5.76 -31.84 -20.43
CA GLU A 172 -5.25 -32.05 -21.79
C GLU A 172 -6.26 -32.43 -22.87
N GLU A 173 -7.23 -33.28 -22.52
CA GLU A 173 -8.24 -33.71 -23.48
C GLU A 173 -9.30 -32.63 -23.70
N GLU A 174 -9.60 -31.85 -22.66
CA GLU A 174 -10.61 -30.80 -22.74
C GLU A 174 -10.08 -29.55 -23.41
N ILE A 175 -8.75 -29.45 -23.49
CA ILE A 175 -8.11 -28.26 -24.04
C ILE A 175 -8.10 -28.32 -25.57
N GLN A 176 -8.19 -29.54 -26.09
CA GLN A 176 -8.33 -29.76 -27.52
C GLN A 176 -9.60 -29.13 -28.06
N ASN A 177 -10.65 -29.10 -27.25
CA ASN A 177 -11.90 -28.49 -27.67
C ASN A 177 -11.72 -26.98 -27.84
N PRO A 178 -12.19 -26.44 -28.98
CA PRO A 178 -11.91 -25.03 -29.25
C PRO A 178 -12.78 -24.05 -28.45
N GLN A 179 -13.88 -24.54 -27.87
CA GLN A 179 -14.69 -23.71 -26.99
C GLN A 179 -14.27 -23.85 -25.53
N PHE A 180 -13.08 -24.39 -25.30
CA PHE A 180 -12.58 -24.54 -23.95
C PHE A 180 -12.37 -23.17 -23.33
N ASP A 181 -12.73 -23.05 -22.06
CA ASP A 181 -12.63 -21.78 -21.33
C ASP A 181 -11.48 -21.81 -20.33
N ASN A 182 -10.46 -20.99 -20.55
CA ASN A 182 -9.25 -20.98 -19.74
C ASN A 182 -9.47 -20.81 -18.23
N MET A 183 -10.65 -20.32 -17.85
CA MET A 183 -10.96 -20.13 -16.44
C MET A 183 -10.95 -21.44 -15.69
N LYS A 184 -11.35 -22.50 -16.37
CA LYS A 184 -11.33 -23.83 -15.78
C LYS A 184 -9.89 -24.27 -15.51
N PHE A 185 -8.98 -23.82 -16.38
CA PHE A 185 -7.55 -24.05 -16.16
C PHE A 185 -7.10 -23.37 -14.88
N TYR A 186 -7.44 -22.10 -14.73
CA TYR A 186 -7.02 -21.31 -13.59
C TYR A 186 -7.59 -21.78 -12.23
N LYS A 187 -8.84 -22.25 -12.24
CA LYS A 187 -9.42 -22.90 -11.05
C LYS A 187 -8.68 -24.17 -10.68
N LYS A 188 -8.47 -25.03 -11.68
CA LYS A 188 -7.73 -26.26 -11.49
C LYS A 188 -6.35 -26.02 -10.94
N ARG A 189 -5.58 -25.12 -11.57
CA ARG A 189 -4.21 -24.86 -11.13
C ARG A 189 -4.15 -24.34 -9.69
N MET A 190 -5.13 -23.52 -9.33
CA MET A 190 -5.18 -22.94 -8.00
C MET A 190 -5.43 -24.01 -6.93
N GLU A 191 -6.18 -25.05 -7.27
CA GLU A 191 -6.38 -26.15 -6.33
C GLU A 191 -5.04 -26.74 -6.00
N PHE A 192 -4.22 -26.90 -7.03
CA PHE A 192 -2.92 -27.55 -6.88
C PHE A 192 -2.00 -26.61 -6.15
N ILE A 193 -2.15 -25.32 -6.41
CA ILE A 193 -1.31 -24.29 -5.79
C ILE A 193 -1.63 -24.26 -4.30
N TYR A 194 -2.91 -24.36 -3.97
CA TYR A 194 -3.31 -24.38 -2.58
C TYR A 194 -2.73 -25.54 -1.78
N ASP A 195 -2.75 -26.74 -2.36
CA ASP A 195 -2.28 -27.95 -1.69
C ASP A 195 -0.77 -27.89 -1.44
N ARG A 196 -0.05 -27.36 -2.42
CA ARG A 196 1.39 -27.21 -2.29
C ARG A 196 1.77 -26.17 -1.22
N GLN A 197 0.99 -25.10 -1.11
CA GLN A 197 1.26 -24.11 -0.08
C GLN A 197 0.99 -24.72 1.28
N LYS A 198 -0.12 -25.45 1.38
CA LYS A 198 -0.53 -26.07 2.62
C LYS A 198 0.57 -27.01 3.11
N ARG A 199 1.01 -27.92 2.25
CA ARG A 199 2.07 -28.85 2.63
C ARG A 199 3.29 -28.09 3.17
N PHE A 200 3.73 -27.05 2.46
CA PHE A 200 4.87 -26.27 2.91
C PHE A 200 4.67 -25.65 4.30
N ILE A 201 3.50 -25.07 4.50
CA ILE A 201 3.17 -24.41 5.75
C ILE A 201 3.10 -25.38 6.94
N ASN A 202 2.48 -26.53 6.74
CA ASN A 202 2.45 -27.54 7.80
C ASN A 202 3.84 -28.10 8.08
N TYR A 203 4.68 -28.18 7.05
CA TYR A 203 6.05 -28.58 7.26
C TYR A 203 6.78 -27.54 8.10
N TYR A 204 6.59 -26.28 7.72
CA TYR A 204 7.13 -25.15 8.47
C TYR A 204 6.72 -25.20 9.94
N LYS A 205 5.44 -25.39 10.22
CA LYS A 205 4.95 -25.38 11.60
C LYS A 205 5.57 -26.50 12.42
N SER A 206 5.95 -27.57 11.73
CA SER A 206 6.42 -28.76 12.43
C SER A 206 7.87 -28.58 12.83
N GLN A 207 8.55 -27.65 12.16
CA GLN A 207 10.00 -27.48 12.33
C GLN A 207 10.33 -26.39 13.34
N ILE A 208 9.32 -25.67 13.82
CA ILE A 208 9.55 -24.56 14.72
C ILE A 208 9.09 -24.81 16.14
N ASN A 209 9.40 -25.99 16.69
CA ASN A 209 9.05 -26.25 18.07
C ASN A 209 10.27 -26.31 18.99
N LYS A 210 11.41 -25.82 18.50
CA LYS A 210 12.70 -26.03 19.17
C LYS A 210 13.53 -24.74 19.26
N VAL A 213 15.65 -23.45 16.53
CA VAL A 213 14.75 -22.31 16.30
C VAL A 213 14.75 -21.76 14.83
N PRO A 214 14.76 -22.67 13.82
CA PRO A 214 15.20 -22.44 12.42
C PRO A 214 14.54 -21.29 11.68
N THR A 215 15.20 -20.78 10.62
CA THR A 215 14.66 -19.66 9.85
C THR A 215 13.84 -20.10 8.63
N ILE A 216 13.10 -19.14 8.09
CA ILE A 216 12.26 -19.42 6.94
C ILE A 216 13.10 -19.94 5.79
N ASP A 217 14.28 -19.35 5.59
CA ASP A 217 15.18 -19.82 4.53
C ASP A 217 15.70 -21.24 4.73
N ASP A 218 15.99 -21.59 5.97
CA ASP A 218 16.40 -22.96 6.28
C ASP A 218 15.34 -24.00 5.88
N ILE A 219 14.08 -23.63 6.06
CA ILE A 219 12.99 -24.57 5.85
C ILE A 219 12.61 -24.60 4.37
N ILE A 220 12.63 -23.43 3.71
CA ILE A 220 12.36 -23.38 2.28
C ILE A 220 13.44 -24.18 1.53
N LYS A 221 14.67 -24.07 2.01
CA LYS A 221 15.79 -24.73 1.37
C LYS A 221 15.59 -26.23 1.46
N SER A 222 15.29 -26.71 2.65
CA SER A 222 15.06 -28.14 2.87
C SER A 222 13.91 -28.66 2.01
N HIS A 223 12.83 -27.88 1.96
CA HIS A 223 11.63 -28.21 1.19
C HIS A 223 11.88 -28.21 -0.30
N LEU A 224 12.61 -27.21 -0.81
CA LEU A 224 12.93 -27.19 -2.24
C LEU A 224 13.76 -28.39 -2.69
N VAL A 225 14.75 -28.79 -1.88
CA VAL A 225 15.59 -29.94 -2.15
C VAL A 225 14.77 -31.24 -2.17
N SER A 226 13.88 -31.36 -1.18
CA SER A 226 13.04 -32.55 -1.08
C SER A 226 11.95 -32.62 -2.16
N GLU A 227 11.28 -31.50 -2.43
CA GLU A 227 10.05 -31.58 -3.20
C GLU A 227 10.12 -30.98 -4.60
N TYR A 228 11.18 -30.22 -4.89
CA TYR A 228 11.28 -29.56 -6.19
C TYR A 228 12.63 -29.75 -6.90
N ASN A 229 13.39 -30.76 -6.48
CA ASN A 229 14.65 -31.15 -7.13
C ASN A 229 15.70 -30.06 -7.20
N ARG A 230 15.93 -29.35 -6.09
CA ARG A 230 16.91 -28.26 -6.10
C ARG A 230 18.20 -28.66 -5.40
N ASP A 231 19.32 -28.17 -5.92
CA ASP A 231 20.59 -28.34 -5.24
C ASP A 231 20.67 -27.36 -4.07
N GLU A 232 20.88 -27.89 -2.88
CA GLU A 232 21.02 -27.04 -1.70
C GLU A 232 22.16 -26.04 -1.86
N THR A 233 23.21 -26.43 -2.60
CA THR A 233 24.37 -25.58 -2.77
C THR A 233 24.09 -24.41 -3.73
N VAL A 234 23.30 -24.64 -4.77
CA VAL A 234 22.85 -23.56 -5.63
C VAL A 234 22.00 -22.57 -4.85
N LEU A 235 21.07 -23.10 -4.05
CA LEU A 235 20.18 -22.28 -3.25
C LEU A 235 20.92 -21.48 -2.18
N GLU A 236 22.02 -22.04 -1.70
CA GLU A 236 22.75 -21.40 -0.62
C GLU A 236 23.55 -20.24 -1.15
N SER A 237 24.10 -20.43 -2.34
CA SER A 237 24.85 -19.39 -3.01
C SER A 237 23.96 -18.20 -3.36
N TYR A 238 22.69 -18.47 -3.64
CA TYR A 238 21.75 -17.42 -4.00
C TYR A 238 21.40 -16.59 -2.78
N ARG A 239 21.26 -17.28 -1.66
CA ARG A 239 20.98 -16.63 -0.40
C ARG A 239 22.14 -15.71 0.00
N THR A 240 23.34 -16.29 0.13
CA THR A 240 24.52 -15.53 0.52
C THR A 240 24.80 -14.37 -0.40
N ASN A 241 24.65 -14.58 -1.71
CA ASN A 241 24.89 -13.50 -2.67
C ASN A 241 23.85 -12.41 -2.62
N SER A 242 22.60 -12.78 -2.39
CA SER A 242 21.57 -11.77 -2.40
C SER A 242 21.66 -10.95 -1.10
N LEU A 243 22.07 -11.61 -0.03
CA LEU A 243 22.31 -10.95 1.25
C LEU A 243 23.44 -9.94 1.11
N ARG A 244 24.52 -10.38 0.48
CA ARG A 244 25.67 -9.53 0.33
C ARG A 244 25.36 -8.29 -0.52
N LYS A 245 24.73 -8.51 -1.66
CA LYS A 245 24.41 -7.44 -2.58
C LYS A 245 23.50 -6.36 -1.95
N ILE A 246 22.61 -6.75 -1.04
CA ILE A 246 21.71 -5.76 -0.44
C ILE A 246 22.33 -5.04 0.76
N ASN A 247 23.22 -5.70 1.50
CA ASN A 247 23.96 -4.98 2.53
C ASN A 247 24.96 -3.97 1.96
N SER A 248 25.41 -4.22 0.73
CA SER A 248 26.32 -3.30 0.03
C SER A 248 25.57 -2.11 -0.56
N ASN A 249 24.24 -2.14 -0.49
CA ASN A 249 23.42 -1.09 -1.09
C ASN A 249 22.37 -0.52 -0.13
N HIS A 250 22.86 0.03 0.98
CA HIS A 250 22.05 0.73 1.97
C HIS A 250 21.12 -0.20 2.73
N GLY A 251 21.25 -1.49 2.50
CA GLY A 251 20.33 -2.44 3.11
C GLY A 251 20.31 -2.34 4.62
N ILE A 252 19.14 -2.61 5.19
CA ILE A 252 18.93 -2.64 6.61
C ILE A 252 17.82 -3.68 6.89
N ASP A 253 18.09 -4.62 7.79
CA ASP A 253 17.24 -5.82 8.00
C ASP A 253 16.07 -5.54 8.94
N ILE A 254 14.84 -5.87 8.54
CA ILE A 254 13.70 -5.57 9.41
C ILE A 254 13.76 -6.36 10.72
N ARG A 255 14.46 -7.49 10.70
CA ARG A 255 14.48 -8.36 11.88
C ARG A 255 15.55 -8.00 12.92
N ALA A 256 16.52 -7.18 12.52
CA ALA A 256 17.61 -6.81 13.42
C ALA A 256 17.27 -5.52 14.13
N ASN A 257 16.33 -4.78 13.57
CA ASN A 257 15.95 -3.49 14.14
C ASN A 257 14.64 -3.55 14.86
N SER A 258 14.09 -4.76 14.95
CA SER A 258 12.89 -5.01 15.74
C SER A 258 11.82 -3.96 15.39
N LEU A 259 11.25 -4.11 14.21
CA LEU A 259 10.30 -3.16 13.66
C LEU A 259 8.93 -3.57 14.16
N PHE A 260 8.77 -4.88 14.25
CA PHE A 260 7.54 -5.47 14.74
C PHE A 260 7.68 -5.72 16.21
N THR A 261 7.05 -4.86 16.99
CA THR A 261 7.04 -4.97 18.44
C THR A 261 5.70 -5.56 18.88
N GLU A 262 4.68 -5.31 18.07
CA GLU A 262 3.35 -5.85 18.28
C GLU A 262 3.22 -7.23 17.61
N GLN A 263 2.77 -8.21 18.38
CA GLN A 263 2.60 -9.57 17.84
C GLN A 263 1.57 -9.59 16.71
N GLU A 264 0.47 -8.86 16.92
CA GLU A 264 -0.61 -8.75 15.96
C GLU A 264 -0.11 -8.41 14.55
N LEU A 265 0.77 -7.42 14.45
CA LEU A 265 1.38 -6.99 13.17
C LEU A 265 2.38 -7.97 12.57
N LEU A 266 3.20 -8.58 13.42
CA LEU A 266 4.10 -9.62 12.96
C LEU A 266 3.36 -10.81 12.36
N ASN A 267 2.21 -11.16 12.93
CA ASN A 267 1.40 -12.25 12.38
C ASN A 267 0.83 -11.91 11.01
N ILE A 268 0.44 -10.65 10.83
CA ILE A 268 -0.05 -10.21 9.55
C ILE A 268 1.03 -10.26 8.47
N TYR A 269 2.21 -9.76 8.81
CA TYR A 269 3.33 -9.82 7.89
C TYR A 269 3.71 -11.27 7.58
N SER A 270 3.63 -12.15 8.57
CA SER A 270 3.95 -13.56 8.31
C SER A 270 2.90 -14.35 7.50
N GLN A 271 1.61 -14.04 7.68
CA GLN A 271 0.60 -14.72 6.88
C GLN A 271 0.66 -14.28 5.41
N GLU A 272 1.16 -13.07 5.16
CA GLU A 272 1.41 -12.65 3.78
C GLU A 272 2.72 -13.19 3.23
N LEU A 273 3.79 -13.05 4.00
CA LEU A 273 5.10 -13.54 3.60
C LEU A 273 5.15 -15.08 3.46
N LEU A 274 4.53 -15.79 4.39
CA LEU A 274 4.68 -17.25 4.43
C LEU A 274 3.51 -18.03 3.85
N ASN A 275 2.32 -17.79 4.36
CA ASN A 275 1.16 -18.53 3.91
C ASN A 275 0.80 -18.27 2.44
N ARG A 276 0.66 -17.00 2.06
CA ARG A 276 0.28 -16.66 0.69
C ARG A 276 1.51 -16.48 -0.19
N GLY A 277 2.65 -16.13 0.40
CA GLY A 277 3.84 -15.82 -0.37
C GLY A 277 3.59 -14.59 -1.23
N ASN A 278 2.94 -13.58 -0.66
CA ASN A 278 2.65 -12.32 -1.34
C ASN A 278 3.58 -11.21 -0.87
N LEU A 279 4.62 -10.93 -1.66
CA LEU A 279 5.62 -9.96 -1.26
C LEU A 279 5.11 -8.51 -1.29
N ALA A 280 4.28 -8.20 -2.27
CA ALA A 280 3.68 -6.87 -2.33
C ALA A 280 2.99 -6.51 -1.01
N ALA A 281 2.07 -7.38 -0.55
CA ALA A 281 1.32 -7.17 0.70
C ALA A 281 2.19 -7.13 1.94
N ALA A 282 3.16 -8.04 2.03
CA ALA A 282 4.07 -8.05 3.16
C ALA A 282 4.86 -6.75 3.17
N SER A 283 5.27 -6.30 1.98
CA SER A 283 5.85 -4.97 1.81
C SER A 283 4.98 -3.78 2.27
N ASP A 284 3.67 -3.82 2.01
CA ASP A 284 2.75 -2.78 2.49
C ASP A 284 2.80 -2.65 4.01
N ILE A 285 2.91 -3.77 4.73
CA ILE A 285 3.02 -3.66 6.18
C ILE A 285 4.27 -2.89 6.57
N VAL A 286 5.41 -3.33 6.03
CA VAL A 286 6.71 -2.79 6.38
C VAL A 286 6.85 -1.28 6.12
N ARG A 287 6.30 -0.79 5.01
CA ARG A 287 6.49 0.62 4.68
C ARG A 287 5.86 1.51 5.77
N LEU A 288 4.67 1.13 6.24
CA LEU A 288 4.01 1.84 7.35
C LEU A 288 4.80 1.81 8.67
N LEU A 289 5.29 0.65 9.09
CA LEU A 289 6.13 0.56 10.30
C LEU A 289 7.43 1.40 10.21
N ALA A 290 8.04 1.40 9.03
CA ALA A 290 9.19 2.24 8.78
C ALA A 290 8.87 3.73 9.06
N LEU A 291 7.76 4.22 8.49
CA LEU A 291 7.39 5.63 8.67
C LEU A 291 7.01 5.91 10.11
N LYS A 292 6.34 4.96 10.75
CA LYS A 292 5.93 5.11 12.12
C LYS A 292 7.14 5.28 13.02
N ASN A 293 8.16 4.47 12.79
CA ASN A 293 9.31 4.44 13.68
C ASN A 293 10.40 5.45 13.38
N PHE A 294 10.54 5.83 12.11
CA PHE A 294 11.62 6.74 11.74
C PHE A 294 11.16 8.02 11.04
N GLY A 295 9.96 8.01 10.48
CA GLY A 295 9.48 9.15 9.71
C GLY A 295 10.28 9.35 8.44
N GLY A 296 9.76 10.15 7.52
CA GLY A 296 10.49 10.44 6.31
C GLY A 296 9.64 10.17 5.09
N VAL A 297 10.26 9.67 4.02
CA VAL A 297 9.59 9.49 2.75
C VAL A 297 9.70 8.02 2.36
N TYR A 298 8.57 7.34 2.10
CA TYR A 298 8.64 6.00 1.50
C TYR A 298 8.44 6.07 -0.02
N LEU A 299 9.17 5.22 -0.74
CA LEU A 299 9.06 5.14 -2.18
C LEU A 299 9.21 3.70 -2.70
N ASP A 300 8.28 3.29 -3.57
CA ASP A 300 8.41 2.03 -4.30
C ASP A 300 9.65 2.20 -5.16
N VAL A 301 10.35 1.11 -5.45
CA VAL A 301 11.64 1.17 -6.17
C VAL A 301 11.52 1.44 -7.67
N ASP A 302 10.29 1.60 -8.16
CA ASP A 302 10.12 2.01 -9.55
C ASP A 302 9.70 3.48 -9.69
N MET A 303 9.87 4.26 -8.62
CA MET A 303 9.61 5.70 -8.67
C MET A 303 10.86 6.48 -9.02
N LEU A 304 10.68 7.58 -9.76
CA LEU A 304 11.82 8.43 -10.06
C LEU A 304 11.56 9.86 -9.56
N PRO A 305 12.64 10.59 -9.25
CA PRO A 305 12.55 12.01 -8.84
C PRO A 305 11.79 12.82 -9.89
N GLY A 306 11.26 13.98 -9.51
CA GLY A 306 10.53 14.83 -10.44
C GLY A 306 11.36 15.63 -11.44
N ILE A 307 10.82 15.82 -12.64
CA ILE A 307 11.48 16.66 -13.64
C ILE A 307 11.27 18.12 -13.24
N HIS A 308 12.28 18.96 -13.43
CA HIS A 308 12.14 20.38 -13.19
C HIS A 308 10.93 20.90 -13.94
N SER A 309 10.19 21.82 -13.34
CA SER A 309 8.95 22.29 -13.95
C SER A 309 9.15 23.01 -15.29
N ASP A 310 10.12 23.91 -15.35
CA ASP A 310 10.37 24.66 -16.58
C ASP A 310 10.80 23.78 -17.76
N LEU A 311 11.65 22.80 -17.47
CA LEU A 311 12.43 22.04 -18.46
C LEU A 311 11.90 21.97 -19.89
N PHE A 312 10.70 21.44 -20.07
CA PHE A 312 10.18 21.27 -21.42
C PHE A 312 8.97 22.14 -21.74
N LYS A 313 8.96 23.37 -21.22
CA LYS A 313 7.85 24.28 -21.48
C LYS A 313 7.84 24.84 -22.91
N THR A 314 9.01 24.91 -23.56
CA THR A 314 9.08 25.33 -24.98
C THR A 314 8.72 24.20 -25.96
N ILE A 315 8.27 23.05 -25.45
CA ILE A 315 7.92 21.92 -26.31
C ILE A 315 6.45 21.52 -26.15
N SER A 316 5.62 21.91 -27.10
CA SER A 316 4.19 21.66 -27.01
C SER A 316 3.81 20.20 -27.26
N ARG A 317 3.00 19.64 -26.36
CA ARG A 317 2.52 18.27 -26.53
C ARG A 317 1.58 18.18 -27.74
N PRO A 318 1.89 17.26 -28.68
CA PRO A 318 0.99 17.03 -29.83
C PRO A 318 -0.42 16.66 -29.32
N SER A 319 -1.45 17.01 -30.08
CA SER A 319 -2.82 16.77 -29.62
C SER A 319 -3.22 15.28 -29.72
N SER A 320 -2.36 14.49 -30.35
CA SER A 320 -2.58 13.06 -30.57
C SER A 320 -2.08 12.24 -29.38
N ILE A 321 -1.32 12.89 -28.51
CA ILE A 321 -0.66 12.19 -27.41
C ILE A 321 -1.24 12.60 -26.06
N GLY A 322 -1.72 11.61 -25.33
CA GLY A 322 -2.29 11.83 -24.01
C GLY A 322 -1.31 12.37 -22.99
N LEU A 323 -1.86 13.11 -22.03
CA LEU A 323 -1.05 13.73 -20.99
C LEU A 323 -0.08 12.72 -20.37
N ASP A 324 -0.54 11.48 -20.26
CA ASP A 324 0.22 10.41 -19.62
C ASP A 324 1.41 9.95 -20.44
N ARG A 325 1.19 9.72 -21.73
CA ARG A 325 2.26 9.29 -22.61
C ARG A 325 3.28 10.40 -22.73
N TRP A 326 2.80 11.64 -22.70
CA TRP A 326 3.67 12.79 -22.76
C TRP A 326 4.70 12.82 -21.63
N GLU A 327 4.23 12.56 -20.40
CA GLU A 327 5.11 12.42 -19.26
C GLU A 327 6.07 11.24 -19.41
N MET A 328 5.57 10.11 -19.94
CA MET A 328 6.43 8.95 -20.22
C MET A 328 7.54 9.32 -21.20
N ILE A 329 7.18 10.11 -22.21
CA ILE A 329 8.11 10.52 -23.26
C ILE A 329 9.24 11.41 -22.74
N LYS A 330 8.90 12.42 -21.93
CA LYS A 330 9.91 13.29 -21.33
C LYS A 330 11.03 12.53 -20.61
N LEU A 331 10.66 11.47 -19.89
CA LEU A 331 11.67 10.61 -19.24
C LEU A 331 12.57 9.91 -20.24
N GLU A 332 11.95 9.25 -21.23
CA GLU A 332 12.67 8.57 -22.30
C GLU A 332 13.67 9.50 -23.00
N ALA A 333 13.27 10.74 -23.19
CA ALA A 333 14.13 11.78 -23.75
C ALA A 333 15.38 11.99 -22.90
N ILE A 334 15.20 12.17 -21.60
CA ILE A 334 16.35 12.38 -20.73
C ILE A 334 17.26 11.16 -20.75
N MET A 335 16.66 9.98 -20.75
CA MET A 335 17.43 8.75 -20.70
C MET A 335 18.22 8.51 -21.97
N LYS A 336 17.61 8.80 -23.12
CA LYS A 336 18.24 8.56 -24.40
C LYS A 336 19.45 9.46 -24.61
N TYR A 337 19.44 10.63 -23.97
CA TYR A 337 20.50 11.61 -24.16
C TYR A 337 21.42 11.76 -22.94
N LYS A 338 20.92 11.43 -21.75
CA LYS A 338 21.77 11.51 -20.56
C LYS A 338 22.27 10.14 -20.14
N LYS A 339 21.50 9.11 -20.49
CA LYS A 339 21.82 7.72 -20.11
C LYS A 339 22.01 7.50 -18.61
N TYR A 340 21.23 8.18 -17.80
CA TYR A 340 21.27 7.94 -16.36
C TYR A 340 20.97 6.46 -16.08
N ILE A 341 20.00 5.90 -16.80
CA ILE A 341 19.70 4.48 -16.69
C ILE A 341 19.91 3.72 -18.00
N ASN A 342 20.84 2.74 -17.97
CA ASN A 342 21.11 1.85 -19.10
C ASN A 342 19.88 1.14 -19.68
N ASN A 343 19.84 1.06 -21.01
CA ASN A 343 18.81 0.29 -21.72
C ASN A 343 17.36 0.76 -21.48
N TYR A 344 17.18 1.99 -21.03
CA TYR A 344 15.83 2.57 -20.85
C TYR A 344 15.08 2.65 -22.18
N THR A 345 13.86 2.10 -22.20
CA THR A 345 13.05 2.04 -23.41
C THR A 345 12.97 3.36 -24.18
N SER A 346 12.80 3.26 -25.50
CA SER A 346 12.77 4.44 -26.33
C SER A 346 11.55 4.41 -27.23
N GLU A 347 10.78 3.35 -27.13
CA GLU A 347 9.77 3.03 -28.15
C GLU A 347 8.79 4.16 -28.42
N ASN A 348 8.54 4.99 -27.41
CA ASN A 348 7.61 6.11 -27.57
C ASN A 348 8.24 7.40 -28.07
N PHE A 349 9.46 7.68 -27.61
CA PHE A 349 10.22 8.83 -28.10
C PHE A 349 10.49 8.71 -29.60
N ASP A 350 10.64 7.47 -30.06
CA ASP A 350 11.01 7.20 -31.44
C ASP A 350 9.91 7.58 -32.42
N LYS A 351 8.65 7.51 -31.95
CA LYS A 351 7.49 7.82 -32.77
C LYS A 351 7.36 9.32 -33.10
N LEU A 352 8.15 10.17 -32.46
CA LEU A 352 8.04 11.60 -32.66
C LEU A 352 8.55 12.09 -34.01
N ASP A 353 7.96 13.18 -34.50
CA ASP A 353 8.45 13.86 -35.71
C ASP A 353 9.77 14.55 -35.38
N GLN A 354 10.72 14.44 -36.31
CA GLN A 354 12.11 14.83 -36.08
C GLN A 354 12.33 16.16 -35.36
N GLN A 355 11.41 17.11 -35.56
CA GLN A 355 11.57 18.44 -34.97
C GLN A 355 11.41 18.42 -33.44
N LEU A 356 10.57 17.51 -32.96
CA LEU A 356 10.43 17.26 -31.53
C LEU A 356 11.72 16.67 -30.98
N LYS A 357 12.19 15.61 -31.62
CA LYS A 357 13.39 14.93 -31.16
C LYS A 357 14.54 15.91 -31.01
N ASP A 358 14.76 16.72 -32.05
CA ASP A 358 15.81 17.74 -32.07
C ASP A 358 15.68 18.70 -30.90
N ASN A 359 14.45 19.19 -30.70
CA ASN A 359 14.18 20.15 -29.67
C ASN A 359 14.46 19.58 -28.28
N PHE A 360 14.15 18.30 -28.09
CA PHE A 360 14.44 17.63 -26.82
C PHE A 360 15.94 17.54 -26.62
N LYS A 361 16.65 17.18 -27.69
CA LYS A 361 18.09 17.04 -27.61
C LYS A 361 18.78 18.36 -27.32
N LEU A 362 18.26 19.45 -27.88
CA LEU A 362 18.81 20.77 -27.61
C LEU A 362 18.71 21.11 -26.13
N ILE A 363 17.49 21.02 -25.61
CA ILE A 363 17.20 21.28 -24.20
C ILE A 363 18.06 20.44 -23.25
N ILE A 364 18.00 19.12 -23.43
CA ILE A 364 18.65 18.18 -22.53
C ILE A 364 20.17 18.25 -22.57
N GLU A 365 20.73 18.18 -23.77
CA GLU A 365 22.19 18.13 -23.91
C GLU A 365 22.87 19.46 -23.62
N SER A 366 22.09 20.47 -23.23
CA SER A 366 22.65 21.77 -22.89
C SER A 366 22.59 21.98 -21.38
N LYS A 367 22.24 20.92 -20.66
CA LYS A 367 22.16 20.99 -19.21
C LYS A 367 23.35 20.28 -18.60
N SER A 368 24.07 20.98 -17.74
CA SER A 368 25.37 20.52 -17.24
C SER A 368 25.25 19.37 -16.26
N GLU A 369 24.51 19.59 -15.18
CA GLU A 369 24.49 18.64 -14.07
C GLU A 369 23.10 18.02 -13.85
N LYS A 370 23.10 16.76 -13.41
CA LYS A 370 21.89 15.99 -13.13
C LYS A 370 20.81 16.76 -12.37
N SER A 371 21.19 17.62 -11.44
CA SER A 371 20.20 18.36 -10.64
C SER A 371 19.54 19.50 -11.43
N GLU A 372 20.12 19.85 -12.57
CA GLU A 372 19.50 20.80 -13.47
C GLU A 372 18.39 20.12 -14.27
N ILE A 373 18.27 18.81 -14.11
CA ILE A 373 17.29 18.00 -14.85
C ILE A 373 16.17 17.48 -13.94
N PHE A 374 16.55 17.04 -12.75
CA PHE A 374 15.65 16.48 -11.77
C PHE A 374 15.49 17.41 -10.57
N SER A 375 14.27 17.50 -10.03
CA SER A 375 14.05 18.25 -8.80
C SER A 375 14.62 17.49 -7.62
N LYS A 376 15.05 18.20 -6.58
CA LYS A 376 15.32 17.55 -5.32
C LYS A 376 14.22 17.90 -4.34
N LEU A 377 13.91 16.96 -3.46
CA LEU A 377 12.93 17.16 -2.40
C LEU A 377 13.20 18.41 -1.56
N GLU A 378 14.48 18.61 -1.25
CA GLU A 378 14.93 19.67 -0.33
C GLU A 378 14.19 19.65 1.01
N ASN A 379 13.41 20.70 1.26
CA ASN A 379 12.49 20.68 2.39
C ASN A 379 11.13 20.13 1.99
N LEU A 380 10.55 19.36 2.90
CA LEU A 380 9.20 18.87 2.75
C LEU A 380 8.41 19.26 4.00
N ASN A 381 7.79 20.44 3.96
CA ASN A 381 7.15 21.06 5.13
C ASN A 381 5.68 20.67 5.32
N VAL A 382 5.44 19.78 6.30
CA VAL A 382 4.13 19.17 6.51
C VAL A 382 3.68 19.19 7.98
N SER A 383 2.44 18.74 8.21
CA SER A 383 1.86 18.66 9.55
C SER A 383 2.19 17.36 10.29
N ASP A 384 2.52 17.47 11.57
CA ASP A 384 2.91 16.31 12.38
C ASP A 384 1.77 15.34 12.64
N LEU A 385 0.54 15.77 12.34
CA LEU A 385 -0.61 14.88 12.44
C LEU A 385 -0.74 14.00 11.20
N GLU A 386 -0.27 14.48 10.05
CA GLU A 386 -0.68 13.87 8.79
C GLU A 386 0.25 12.86 8.14
N ILE A 387 -0.22 12.29 7.03
CA ILE A 387 0.60 11.54 6.09
C ILE A 387 0.18 11.94 4.66
N LYS A 388 1.16 12.25 3.80
CA LYS A 388 0.86 12.61 2.41
C LYS A 388 1.07 11.42 1.51
N ILE A 389 0.45 11.43 0.34
CA ILE A 389 0.42 10.21 -0.44
C ILE A 389 0.20 10.52 -1.91
N ALA A 390 0.77 9.66 -2.75
CA ALA A 390 0.67 9.79 -4.19
C ALA A 390 -0.78 9.55 -4.68
N PHE A 391 -1.11 10.11 -5.85
CA PHE A 391 -2.45 9.98 -6.43
C PHE A 391 -2.33 9.39 -7.80
N ALA A 392 -3.38 8.72 -8.25
CA ALA A 392 -3.49 8.24 -9.64
C ALA A 392 -4.95 8.24 -10.04
N LEU A 393 -5.29 9.01 -11.06
CA LEU A 393 -6.67 9.16 -11.53
C LEU A 393 -7.57 9.71 -10.42
N GLY A 394 -7.04 10.65 -9.64
CA GLY A 394 -7.82 11.25 -8.56
C GLY A 394 -8.04 10.32 -7.37
N SER A 395 -7.44 9.13 -7.42
CA SER A 395 -7.49 8.19 -6.29
C SER A 395 -6.10 7.96 -5.68
N VAL A 396 -6.06 7.63 -4.40
CA VAL A 396 -4.80 7.44 -3.70
C VAL A 396 -4.12 6.10 -4.03
N ILE A 397 -2.80 6.11 -3.94
CA ILE A 397 -2.02 4.93 -4.25
C ILE A 397 -0.74 4.97 -3.42
N ASN A 398 -0.47 3.87 -2.72
CA ASN A 398 0.51 3.87 -1.63
C ASN A 398 1.98 3.75 -2.06
N GLN A 399 2.27 4.07 -3.32
CA GLN A 399 3.63 3.92 -3.86
C GLN A 399 4.60 5.06 -3.48
N ALA A 400 4.09 6.16 -2.95
CA ALA A 400 4.95 7.16 -2.31
C ALA A 400 4.25 7.73 -1.09
N LEU A 401 5.02 7.96 -0.02
CA LEU A 401 4.44 8.40 1.25
C LEU A 401 5.36 9.38 1.93
N ILE A 402 4.80 10.44 2.51
CA ILE A 402 5.56 11.31 3.41
C ILE A 402 4.89 11.37 4.78
N SER A 403 5.65 11.18 5.85
CA SER A 403 5.11 11.33 7.21
C SER A 403 6.17 11.53 8.30
N LYS A 404 5.86 12.37 9.27
CA LYS A 404 6.74 12.58 10.40
C LYS A 404 6.70 11.37 11.32
N GLN A 405 7.77 11.19 12.08
CA GLN A 405 7.88 10.09 13.04
C GLN A 405 6.69 10.06 14.01
N GLY A 406 6.07 8.88 14.13
CA GLY A 406 4.95 8.68 15.03
C GLY A 406 3.69 9.48 14.76
N SER A 407 3.49 9.88 13.50
CA SER A 407 2.32 10.63 13.09
C SER A 407 1.00 9.95 13.47
N TYR A 408 0.02 10.74 13.88
CA TYR A 408 -1.30 10.20 14.20
C TYR A 408 -1.97 9.45 13.03
N LEU A 409 -1.93 10.04 11.83
CA LEU A 409 -2.59 9.43 10.69
C LEU A 409 -1.91 8.15 10.26
N THR A 410 -0.60 8.07 10.51
CA THR A 410 0.16 6.85 10.28
C THR A 410 -0.35 5.75 11.21
N ASN A 411 -0.53 6.08 12.49
CA ASN A 411 -1.13 5.14 13.46
C ASN A 411 -2.56 4.73 13.06
N LEU A 412 -3.34 5.64 12.53
CA LEU A 412 -4.67 5.32 12.02
C LEU A 412 -4.66 4.31 10.85
N VAL A 413 -3.71 4.45 9.94
CA VAL A 413 -3.66 3.52 8.83
C VAL A 413 -3.33 2.11 9.32
N ILE A 414 -2.39 2.01 10.26
CA ILE A 414 -2.07 0.74 10.91
C ILE A 414 -3.33 0.13 11.50
N GLU A 415 -4.11 0.94 12.22
CA GLU A 415 -5.35 0.46 12.83
C GLU A 415 -6.30 -0.10 11.80
N GLN A 416 -6.46 0.62 10.70
CA GLN A 416 -7.30 0.16 9.60
C GLN A 416 -6.90 -1.23 9.11
N VAL A 417 -5.61 -1.37 8.84
CA VAL A 417 -5.02 -2.64 8.38
C VAL A 417 -5.29 -3.76 9.40
N LYS A 418 -4.97 -3.52 10.68
CA LYS A 418 -5.28 -4.48 11.73
C LYS A 418 -6.75 -4.87 11.74
N ASN A 419 -7.61 -3.86 11.76
CA ASN A 419 -9.04 -4.09 11.79
C ASN A 419 -9.55 -4.88 10.59
N ARG A 420 -8.90 -4.69 9.45
CA ARG A 420 -9.28 -5.35 8.21
C ARG A 420 -8.82 -6.80 8.17
N TYR A 421 -7.58 -7.07 8.61
CA TYR A 421 -7.10 -8.45 8.71
C TYR A 421 -7.82 -9.21 9.83
N GLN A 422 -8.27 -8.48 10.85
CA GLN A 422 -8.95 -9.15 11.96
C GLN A 422 -10.32 -9.62 11.50
N PHE A 423 -10.93 -8.81 10.64
CA PHE A 423 -12.19 -9.17 10.02
C PHE A 423 -12.02 -10.40 9.14
N LEU A 424 -10.95 -10.37 8.37
CA LEU A 424 -10.65 -11.45 7.45
C LEU A 424 -10.41 -12.79 8.16
N ASN A 425 -9.48 -12.82 9.10
CA ASN A 425 -9.10 -14.08 9.73
C ASN A 425 -10.24 -14.70 10.55
N GLN A 426 -11.17 -13.85 11.01
CA GLN A 426 -12.38 -14.29 11.71
C GLN A 426 -13.11 -15.39 10.95
N HIS A 427 -13.17 -15.24 9.64
CA HIS A 427 -13.94 -16.18 8.82
C HIS A 427 -13.02 -17.14 8.09
N LEU A 428 -11.76 -16.76 7.95
CA LEU A 428 -10.80 -17.52 7.17
C LEU A 428 -10.08 -18.57 8.01
N ASN A 429 -9.59 -18.18 9.18
CA ASN A 429 -8.93 -19.13 10.08
C ASN A 429 -9.73 -20.38 10.42
N PRO A 430 -11.03 -20.23 10.79
CA PRO A 430 -11.80 -21.45 11.04
C PRO A 430 -11.92 -22.30 9.77
N ALA A 431 -11.93 -21.64 8.62
CA ALA A 431 -12.09 -22.30 7.33
C ALA A 431 -10.87 -23.15 7.00
N ILE A 432 -9.69 -22.62 7.28
CA ILE A 432 -8.42 -23.28 7.00
C ILE A 432 -8.08 -24.35 8.02
N GLU A 433 -8.40 -24.08 9.28
CA GLU A 433 -8.13 -25.06 10.33
C GLU A 433 -8.93 -26.35 10.13
N SER A 434 -10.03 -26.26 9.39
CA SER A 434 -10.84 -27.43 9.08
C SER A 434 -10.15 -28.42 8.13
N ASP A 435 -8.96 -28.06 7.66
CA ASP A 435 -8.06 -28.99 6.96
C ASP A 435 -8.54 -29.47 5.57
N ASN A 436 -9.36 -28.68 4.88
CA ASN A 436 -9.93 -29.11 3.60
C ASN A 436 -9.14 -28.69 2.35
N ASN A 437 -9.55 -29.18 1.19
CA ASN A 437 -8.95 -28.74 -0.07
C ASN A 437 -9.43 -27.33 -0.38
N PHE A 438 -8.91 -26.74 -1.44
CA PHE A 438 -9.16 -25.35 -1.76
C PHE A 438 -10.65 -25.04 -1.99
N THR A 439 -11.33 -25.91 -2.72
CA THR A 439 -12.76 -25.71 -3.03
C THR A 439 -13.65 -25.78 -1.77
N ASP A 440 -13.49 -26.82 -0.98
CA ASP A 440 -14.28 -26.91 0.25
C ASP A 440 -13.92 -25.77 1.22
N THR A 441 -12.64 -25.42 1.27
CA THR A 441 -12.14 -24.33 2.12
C THR A 441 -12.80 -23.01 1.71
N THR A 442 -12.98 -22.81 0.40
CA THR A 442 -13.53 -21.57 -0.13
C THR A 442 -15.00 -21.42 0.16
N LYS A 443 -15.76 -22.49 -0.09
CA LYS A 443 -17.19 -22.46 0.24
C LYS A 443 -17.40 -22.24 1.73
N ILE A 444 -16.56 -22.80 2.59
CA ILE A 444 -16.69 -22.58 4.03
C ILE A 444 -16.41 -21.11 4.37
N PHE A 445 -15.36 -20.57 3.76
CA PHE A 445 -14.92 -19.22 4.00
C PHE A 445 -15.97 -18.20 3.57
N HIS A 446 -16.41 -18.29 2.31
CA HIS A 446 -17.45 -17.42 1.77
C HIS A 446 -18.78 -17.47 2.51
N ASP A 447 -19.29 -18.67 2.72
CA ASP A 447 -20.52 -18.90 3.48
C ASP A 447 -20.52 -18.08 4.78
N SER A 448 -19.43 -18.17 5.53
CA SER A 448 -19.28 -17.39 6.76
C SER A 448 -19.21 -15.87 6.48
N LEU A 449 -18.47 -15.52 5.44
CA LEU A 449 -18.20 -14.13 5.12
C LEU A 449 -19.47 -13.35 4.76
N PHE A 450 -20.29 -13.94 3.90
CA PHE A 450 -21.44 -13.23 3.39
C PHE A 450 -22.63 -13.16 4.35
N ASN A 451 -22.61 -13.98 5.40
CA ASN A 451 -23.54 -13.80 6.53
C ASN A 451 -23.24 -12.60 7.42
N SER A 452 -22.02 -12.08 7.32
CA SER A 452 -21.67 -10.89 8.11
C SER A 452 -22.11 -9.62 7.41
N ALA A 453 -22.60 -9.76 6.17
CA ALA A 453 -22.88 -8.62 5.29
C ALA A 453 -23.86 -7.61 5.88
N THR A 454 -23.52 -6.32 5.78
CA THR A 454 -24.42 -5.20 6.10
C THR A 454 -24.36 -4.13 4.99
N ALA A 455 -25.11 -3.04 5.15
CA ALA A 455 -25.01 -1.94 4.19
C ALA A 455 -23.66 -1.23 4.33
N GLU A 456 -23.06 -1.42 5.51
CA GLU A 456 -21.78 -0.81 5.81
C GLU A 456 -20.61 -1.49 5.12
N ASN A 457 -20.66 -2.80 4.94
CA ASN A 457 -19.45 -3.53 4.60
C ASN A 457 -19.51 -4.48 3.38
N SER A 458 -20.64 -4.52 2.69
CA SER A 458 -20.84 -5.54 1.67
C SER A 458 -19.83 -5.50 0.50
N MET A 459 -19.40 -4.29 0.12
CA MET A 459 -18.38 -4.12 -0.94
C MET A 459 -17.00 -4.61 -0.48
N PHE A 460 -16.64 -4.25 0.74
CA PHE A 460 -15.39 -4.73 1.32
C PHE A 460 -15.37 -6.25 1.36
N LEU A 461 -16.48 -6.86 1.77
CA LEU A 461 -16.58 -8.31 1.85
C LEU A 461 -16.40 -8.99 0.50
N THR A 462 -17.09 -8.52 -0.54
CA THR A 462 -16.93 -9.23 -1.79
C THR A 462 -15.57 -8.99 -2.44
N LYS A 463 -14.89 -7.93 -2.01
CA LYS A 463 -13.55 -7.69 -2.53
C LYS A 463 -12.42 -8.48 -1.84
N ILE A 464 -12.61 -8.88 -0.58
CA ILE A 464 -11.65 -9.76 0.06
C ILE A 464 -12.08 -11.22 0.00
N ALA A 465 -13.21 -11.51 -0.67
CA ALA A 465 -13.61 -12.90 -0.89
C ALA A 465 -12.59 -13.73 -1.73
N PRO A 466 -12.01 -13.14 -2.79
CA PRO A 466 -11.00 -13.97 -3.46
C PRO A 466 -9.59 -13.88 -2.87
N TYR A 467 -9.48 -13.67 -1.57
CA TYR A 467 -8.19 -13.48 -0.92
C TYR A 467 -7.15 -14.57 -1.20
N LEU A 468 -7.57 -15.83 -1.07
CA LEU A 468 -6.68 -16.98 -1.23
C LEU A 468 -6.05 -17.15 -2.61
N GLN A 469 -6.61 -16.49 -3.61
CA GLN A 469 -6.13 -16.69 -4.96
C GLN A 469 -5.49 -15.44 -5.56
N VAL A 470 -5.27 -14.42 -4.73
CA VAL A 470 -4.55 -13.23 -5.15
C VAL A 470 -3.17 -13.64 -5.73
N GLY A 471 -2.89 -13.19 -6.95
CA GLY A 471 -1.65 -13.52 -7.63
C GLY A 471 -1.70 -14.74 -8.55
N PHE A 472 -2.66 -15.63 -8.37
CA PHE A 472 -2.66 -16.89 -9.13
C PHE A 472 -3.85 -16.98 -10.06
N MET A 473 -4.81 -16.09 -9.87
CA MET A 473 -5.99 -16.06 -10.70
C MET A 473 -6.32 -14.64 -11.15
N PRO A 474 -6.82 -14.50 -12.39
CA PRO A 474 -7.24 -13.17 -12.85
C PRO A 474 -8.34 -12.57 -11.96
N GLU A 475 -8.28 -11.25 -11.79
CA GLU A 475 -9.31 -10.48 -11.09
C GLU A 475 -9.39 -10.66 -9.57
N ALA A 476 -8.29 -11.06 -8.95
CA ALA A 476 -8.22 -11.11 -7.49
C ALA A 476 -7.33 -9.96 -7.03
N ARG A 477 -7.94 -9.02 -6.32
CA ARG A 477 -7.26 -7.78 -5.98
C ARG A 477 -7.55 -7.41 -4.53
N SER A 478 -7.78 -8.42 -3.70
CA SER A 478 -8.07 -8.21 -2.29
C SER A 478 -7.10 -7.27 -1.55
N THR A 479 -5.81 -7.34 -1.89
CA THR A 479 -4.76 -6.51 -1.30
C THR A 479 -5.10 -5.02 -1.23
N ILE A 480 -5.90 -4.54 -2.18
CA ILE A 480 -6.30 -3.14 -2.24
C ILE A 480 -7.08 -2.74 -0.99
N SER A 481 -7.93 -3.65 -0.51
CA SER A 481 -8.85 -3.37 0.59
C SER A 481 -8.32 -3.83 1.96
N LEU A 482 -7.10 -4.35 2.00
CA LEU A 482 -6.55 -4.88 3.22
C LEU A 482 -5.38 -4.05 3.70
N SER A 483 -4.34 -3.97 2.89
CA SER A 483 -3.14 -3.21 3.29
C SER A 483 -2.86 -2.04 2.34
N GLY A 484 -3.62 -1.97 1.26
CA GLY A 484 -3.39 -0.96 0.23
C GLY A 484 -4.26 0.27 0.40
N PRO A 485 -4.52 0.98 -0.72
CA PRO A 485 -5.28 2.24 -0.79
C PRO A 485 -6.61 2.25 -0.02
N GLY A 486 -7.36 1.15 -0.01
CA GLY A 486 -8.61 1.10 0.72
C GLY A 486 -8.43 1.42 2.20
N ALA A 487 -7.34 0.93 2.78
CA ALA A 487 -7.04 1.23 4.17
C ALA A 487 -6.72 2.71 4.37
N TYR A 488 -6.04 3.30 3.38
CA TYR A 488 -5.67 4.69 3.45
C TYR A 488 -6.88 5.63 3.25
N ALA A 489 -7.69 5.34 2.24
CA ALA A 489 -8.86 6.19 1.96
C ALA A 489 -9.77 6.27 3.18
N SER A 490 -9.96 5.14 3.85
CA SER A 490 -10.76 5.09 5.08
C SER A 490 -10.12 5.83 6.24
N ALA A 491 -8.80 5.76 6.37
CA ALA A 491 -8.14 6.47 7.49
C ALA A 491 -8.19 7.98 7.29
N TYR A 492 -8.17 8.42 6.04
CA TYR A 492 -8.36 9.83 5.75
C TYR A 492 -9.78 10.27 6.14
N TYR A 493 -10.77 9.42 5.89
CA TYR A 493 -12.13 9.73 6.35
C TYR A 493 -12.19 9.80 7.88
N ASP A 494 -11.54 8.86 8.56
CA ASP A 494 -11.61 8.77 10.03
C ASP A 494 -11.00 10.00 10.66
N PHE A 495 -9.99 10.53 9.99
CA PHE A 495 -9.30 11.68 10.53
C PHE A 495 -10.14 12.96 10.40
N ILE A 496 -10.57 13.26 9.19
CA ILE A 496 -11.43 14.41 8.96
C ILE A 496 -12.72 14.38 9.80
N ASN A 497 -13.28 13.20 10.02
CA ASN A 497 -14.57 13.08 10.70
C ASN A 497 -14.49 12.55 12.14
N LEU A 498 -13.28 12.62 12.71
CA LEU A 498 -13.00 12.22 14.09
C LEU A 498 -13.60 10.85 14.47
N GLN A 499 -13.53 9.89 13.54
CA GLN A 499 -14.00 8.53 13.80
C GLN A 499 -12.87 7.52 13.94
N GLU A 500 -13.26 6.28 14.22
CA GLU A 500 -12.36 5.12 14.13
C GLU A 500 -12.99 3.96 13.36
N ASN A 501 -12.15 3.20 12.66
CA ASN A 501 -12.58 1.94 12.03
C ASN A 501 -13.67 2.02 10.96
N THR A 502 -13.68 3.05 10.13
CA THR A 502 -14.65 3.05 9.04
C THR A 502 -14.18 2.14 7.93
N ILE A 503 -15.12 1.38 7.36
CA ILE A 503 -14.81 0.36 6.38
C ILE A 503 -14.83 0.87 4.95
N GLU A 504 -15.78 1.72 4.63
CA GLU A 504 -16.08 1.97 3.23
C GLU A 504 -16.21 3.44 2.86
N LYS A 505 -16.53 4.28 3.85
CA LYS A 505 -16.83 5.67 3.58
C LYS A 505 -15.63 6.48 3.13
N THR A 506 -15.88 7.45 2.26
CA THR A 506 -14.85 8.18 1.51
C THR A 506 -15.06 9.70 1.54
N LEU A 507 -13.98 10.47 1.41
CA LEU A 507 -14.08 11.93 1.37
C LEU A 507 -14.32 12.43 -0.06
N LYS A 508 -14.93 13.59 -0.20
CA LYS A 508 -15.04 14.23 -1.52
C LYS A 508 -13.65 14.62 -2.03
N ALA A 509 -13.53 14.82 -3.33
CA ALA A 509 -12.26 15.16 -3.98
C ALA A 509 -11.52 16.37 -3.40
N SER A 510 -12.25 17.42 -3.03
CA SER A 510 -11.64 18.63 -2.48
C SER A 510 -11.07 18.43 -1.07
N ASP A 511 -11.70 17.57 -0.27
CA ASP A 511 -11.16 17.22 1.05
C ASP A 511 -9.89 16.39 0.88
N LEU A 512 -9.92 15.50 -0.11
CA LEU A 512 -8.87 14.52 -0.27
C LEU A 512 -7.56 15.20 -0.71
N ILE A 513 -7.70 16.20 -1.57
CA ILE A 513 -6.57 16.88 -2.22
C ILE A 513 -5.50 17.46 -1.31
N GLU A 514 -5.83 17.73 -0.06
CA GLU A 514 -4.87 18.34 0.86
C GLU A 514 -3.72 17.39 1.20
N PHE A 515 -3.97 16.10 0.96
CA PHE A 515 -3.06 15.05 1.37
C PHE A 515 -2.17 14.55 0.24
N LYS A 516 -2.21 15.25 -0.88
CA LYS A 516 -1.43 14.89 -2.06
C LYS A 516 0.09 14.98 -1.86
N PHE A 517 0.82 14.05 -2.45
CA PHE A 517 2.28 14.10 -2.51
C PHE A 517 2.61 15.19 -3.53
N PRO A 518 3.45 16.17 -3.15
CA PRO A 518 3.74 17.33 -4.01
C PRO A 518 4.06 16.89 -5.44
N GLU A 519 3.20 17.28 -6.37
CA GLU A 519 3.15 16.71 -7.73
C GLU A 519 4.46 16.77 -8.55
N ASN A 520 5.24 17.82 -8.34
CA ASN A 520 6.49 18.01 -9.08
C ASN A 520 7.67 17.27 -8.46
N ASN A 521 7.45 16.69 -7.27
CA ASN A 521 8.49 15.98 -6.56
C ASN A 521 8.52 14.48 -6.81
N LEU A 522 7.79 14.05 -7.83
CA LEU A 522 7.66 12.64 -8.12
C LEU A 522 7.46 12.42 -9.62
N SER A 523 8.15 11.43 -10.16
CA SER A 523 7.85 10.89 -11.49
C SER A 523 7.29 9.47 -11.36
N GLN A 524 5.96 9.34 -11.39
CA GLN A 524 5.26 8.05 -11.23
C GLN A 524 5.08 7.22 -12.50
N LEU A 525 5.36 7.77 -13.67
CA LEU A 525 5.18 7.02 -14.91
C LEU A 525 6.53 6.58 -15.47
N THR A 526 7.08 5.53 -14.89
CA THR A 526 8.39 5.03 -15.29
C THR A 526 8.20 3.73 -16.04
N GLU A 527 9.24 3.33 -16.78
CA GLU A 527 9.27 2.05 -17.50
C GLU A 527 8.92 0.90 -16.57
N GLN A 528 9.57 0.83 -15.43
CA GLN A 528 9.30 -0.23 -14.46
C GLN A 528 7.92 -0.14 -13.80
N GLU A 529 7.47 1.07 -13.49
CA GLU A 529 6.14 1.25 -12.93
C GLU A 529 5.11 0.69 -13.89
N ILE A 530 5.27 1.03 -15.16
CA ILE A 530 4.37 0.58 -16.21
C ILE A 530 4.45 -0.95 -16.41
N ASN A 531 5.66 -1.51 -16.43
CA ASN A 531 5.86 -2.96 -16.46
C ASN A 531 5.23 -3.70 -15.28
N SER A 532 5.63 -3.30 -14.07
CA SER A 532 5.14 -3.91 -12.83
C SER A 532 3.69 -3.54 -12.50
N LEU A 533 2.97 -2.92 -13.42
CA LEU A 533 1.59 -2.54 -13.14
C LEU A 533 0.59 -3.66 -13.49
N TRP A 534 -0.33 -3.90 -12.56
CA TRP A 534 -1.37 -4.94 -12.68
C TRP A 534 -2.10 -4.93 -14.02
N SER A 535 -2.13 -6.09 -14.66
CA SER A 535 -2.91 -6.26 -15.88
C SER A 535 -3.37 -7.69 -16.02
N PHE A 536 -3.46 -8.39 -14.89
CA PHE A 536 -4.05 -9.72 -14.87
C PHE A 536 -5.58 -9.62 -15.02
N ASP A 537 -6.02 -9.05 -16.15
CA ASP A 537 -7.43 -9.01 -16.51
C ASP A 537 -7.78 -10.25 -17.34
N GLN A 538 -9.02 -10.33 -17.81
CA GLN A 538 -9.48 -11.50 -18.55
C GLN A 538 -8.73 -11.71 -19.88
N ALA A 539 -8.15 -10.65 -20.43
CA ALA A 539 -7.46 -10.75 -21.71
C ALA A 539 -6.00 -11.23 -21.60
N SER A 540 -5.30 -10.81 -20.56
CA SER A 540 -3.92 -11.26 -20.34
C SER A 540 -3.90 -12.67 -19.76
N ALA A 541 -5.05 -13.14 -19.29
CA ALA A 541 -5.19 -14.51 -18.83
C ALA A 541 -5.39 -15.43 -20.02
N LYS A 542 -6.20 -14.98 -20.98
CA LYS A 542 -6.30 -15.65 -22.27
C LYS A 542 -4.89 -15.79 -22.85
N TYR A 543 -4.25 -14.65 -23.05
CA TYR A 543 -2.90 -14.58 -23.56
C TYR A 543 -1.95 -15.54 -22.86
N GLN A 544 -1.81 -15.41 -21.54
CA GLN A 544 -0.84 -16.22 -20.81
C GLN A 544 -1.09 -17.73 -20.91
N PHE A 545 -2.37 -18.08 -21.03
CA PHE A 545 -2.76 -19.47 -21.08
C PHE A 545 -2.22 -20.13 -22.34
N GLU A 546 -2.21 -19.38 -23.44
CA GLU A 546 -1.74 -19.90 -24.72
C GLU A 546 -0.24 -20.12 -24.74
N LYS A 547 0.49 -19.29 -23.99
CA LYS A 547 1.92 -19.49 -23.79
C LYS A 547 2.14 -20.83 -23.11
N TYR A 548 1.31 -21.14 -22.11
CA TYR A 548 1.43 -22.40 -21.39
C TYR A 548 1.19 -23.61 -22.26
N VAL A 549 0.12 -23.53 -23.06
CA VAL A 549 -0.26 -24.59 -23.98
C VAL A 549 0.81 -24.77 -25.06
N ARG A 550 1.45 -23.66 -25.44
CA ARG A 550 2.55 -23.67 -26.40
C ARG A 550 3.82 -24.32 -25.87
N ASP A 551 4.09 -24.15 -24.58
CA ASP A 551 5.34 -24.66 -24.00
C ASP A 551 5.17 -26.00 -23.31
N TYR A 552 4.11 -26.73 -23.66
CA TYR A 552 3.78 -27.97 -22.97
C TYR A 552 4.52 -29.20 -23.50
N THR A 553 4.89 -30.09 -22.56
CA THR A 553 5.43 -31.42 -22.88
C THR A 553 5.00 -32.45 -21.83
#